data_7LYE
#
_entry.id   7LYE
#
_cell.length_a   60.749
_cell.length_b   128.595
_cell.length_c   67.790
_cell.angle_alpha   90.000
_cell.angle_beta   106.600
_cell.angle_gamma   90.000
#
_symmetry.space_group_name_H-M   'C 1 2 1'
#
loop_
_entity.id
_entity.type
_entity.pdbx_description
1 polymer 'Basic phospholipase A2 homolog BomoTx'
2 non-polymer '({3-[amino(oxo)acetyl]-1-benzyl-2-ethyl-1H-indol-4-yl}oxy)acetic acid'
3 non-polymer 2-{2-[2-(2-{2-[2-(2-ETHOXY-ETHOXY)-ETHOXY]-ETHOXY}-ETHOXY)-ETHOXY]-ETHOXY}-ETHANOL
4 water water
#
_entity_poly.entity_id   1
_entity_poly.type   'polypeptide(L)'
_entity_poly.pdbx_seq_one_letter_code
;SLVELGKMILQETGKNPVTSYGAYGCNCGVLGRGKPKDATDRCCYVHKCCYKKLTDCNPKKDRYSYSWKNKTIVCGENNA
CLKELCECDKAVAICLRENLDTYNKKYKNNYLKPFCDKALPC
;
_entity_poly.pdbx_strand_id   A,B,C,D
#
loop_
_chem_comp.id
_chem_comp.type
_chem_comp.name
_chem_comp.formula
PE4 non-polymer 2-{2-[2-(2-{2-[2-(2-ETHOXY-ETHOXY)-ETHOXY]-ETHOXY}-ETHOXY)-ETHOXY]-ETHOXY}-ETHANOL 'C16 H34 O8'
VRD non-polymer '({3-[amino(oxo)acetyl]-1-benzyl-2-ethyl-1H-indol-4-yl}oxy)acetic acid' 'C21 H20 N2 O5'
#
# COMPACT_ATOMS: atom_id res chain seq x y z
N SER A 1 29.23 12.33 15.64
CA SER A 1 29.93 11.16 15.11
C SER A 1 29.01 10.34 14.22
N LEU A 2 29.55 9.28 13.61
CA LEU A 2 28.74 8.42 12.76
C LEU A 2 27.59 7.77 13.51
N VAL A 3 27.71 7.64 14.84
CA VAL A 3 26.63 7.06 15.63
C VAL A 3 25.41 7.97 15.59
N GLU A 4 25.62 9.27 15.81
CA GLU A 4 24.49 10.21 15.74
C GLU A 4 23.98 10.36 14.32
N LEU A 5 24.89 10.33 13.33
CA LEU A 5 24.48 10.46 11.94
C LEU A 5 23.56 9.30 11.53
N GLY A 6 23.95 8.07 11.87
CA GLY A 6 23.15 6.93 11.49
C GLY A 6 21.78 6.94 12.13
N LYS A 7 21.68 7.42 13.37
CA LYS A 7 20.40 7.49 14.03
C LYS A 7 19.50 8.54 13.37
N MET A 8 20.07 9.68 12.99
CA MET A 8 19.30 10.70 12.26
C MET A 8 18.74 10.14 10.96
N ILE A 9 19.57 9.43 10.19
CA ILE A 9 19.13 8.92 8.90
C ILE A 9 17.97 7.95 9.08
N LEU A 10 18.09 7.04 10.06
CA LEU A 10 17.00 6.12 10.34
C LEU A 10 15.74 6.86 10.77
N GLN A 11 15.89 7.91 11.58
CA GLN A 11 14.71 8.64 12.05
C GLN A 11 14.03 9.39 10.90
N GLU A 12 14.82 10.03 10.03
CA GLU A 12 14.25 10.84 8.96
C GLU A 12 13.72 9.98 7.82
N THR A 13 14.51 9.01 7.37
CA THR A 13 14.17 8.26 6.18
C THR A 13 13.45 6.95 6.47
N GLY A 14 13.55 6.42 7.68
CA GLY A 14 13.05 5.10 7.98
C GLY A 14 13.92 3.98 7.48
N LYS A 15 15.06 4.30 6.85
CA LYS A 15 15.95 3.32 6.25
C LYS A 15 17.16 3.06 7.15
N ASN A 16 17.62 1.82 7.12
CA ASN A 16 18.89 1.47 7.74
C ASN A 16 20.01 2.18 7.00
N PRO A 17 20.81 3.03 7.66
CA PRO A 17 21.85 3.78 6.92
C PRO A 17 22.87 2.89 6.24
N VAL A 18 23.19 1.73 6.81
CA VAL A 18 24.20 0.86 6.21
C VAL A 18 23.67 0.21 4.94
N THR A 19 22.52 -0.46 5.03
CA THR A 19 22.03 -1.23 3.90
C THR A 19 21.45 -0.35 2.79
N SER A 20 21.02 0.87 3.10
CA SER A 20 20.48 1.76 2.08
C SER A 20 21.51 2.73 1.53
N TYR A 21 22.43 3.21 2.38
CA TYR A 21 23.35 4.26 1.98
C TYR A 21 24.82 3.95 2.25
N GLY A 22 25.16 2.70 2.60
CA GLY A 22 26.52 2.41 3.05
C GLY A 22 27.57 2.49 1.95
N ALA A 23 27.17 2.27 0.70
CA ALA A 23 28.05 2.51 -0.44
C ALA A 23 27.20 2.76 -1.68
N TYR A 24 26.77 3.99 -1.85
CA TYR A 24 25.76 4.34 -2.85
C TYR A 24 26.33 5.44 -3.74
N GLY A 25 26.40 5.17 -5.04
CA GLY A 25 26.91 6.16 -5.98
C GLY A 25 28.39 6.43 -5.72
N CYS A 26 28.77 7.70 -5.86
CA CYS A 26 30.18 8.09 -5.76
C CYS A 26 30.51 8.80 -4.45
N ASN A 27 29.53 9.03 -3.57
CA ASN A 27 29.75 9.78 -2.34
C ASN A 27 29.18 9.12 -1.10
N CYS A 28 28.00 8.50 -1.18
CA CYS A 28 27.32 8.04 0.02
C CYS A 28 28.05 6.85 0.64
N GLY A 29 28.45 6.98 1.90
CA GLY A 29 29.04 5.89 2.64
C GLY A 29 30.43 5.47 2.23
N VAL A 30 31.03 6.13 1.24
CA VAL A 30 32.39 5.82 0.82
C VAL A 30 33.28 6.99 1.17
N LEU A 31 34.59 6.75 1.14
CA LEU A 31 35.56 7.81 1.40
C LEU A 31 35.75 8.66 0.15
N GLY A 32 35.79 9.97 0.34
CA GLY A 32 36.09 10.89 -0.73
C GLY A 32 34.87 11.27 -1.55
N ARG A 33 34.97 12.43 -2.19
CA ARG A 33 33.90 12.95 -3.02
C ARG A 33 34.12 12.60 -4.49
N GLY A 34 33.02 12.45 -5.22
CA GLY A 34 33.06 12.28 -6.66
C GLY A 34 31.85 12.94 -7.26
N LYS A 35 31.84 13.05 -8.59
CA LYS A 35 30.70 13.62 -9.28
C LYS A 35 29.45 12.80 -8.94
N PRO A 36 28.40 13.42 -8.39
CA PRO A 36 27.25 12.64 -7.91
C PRO A 36 26.54 11.90 -9.05
N LYS A 37 26.02 10.71 -8.72
CA LYS A 37 25.28 9.92 -9.69
C LYS A 37 23.81 10.32 -9.77
N ASP A 38 23.22 10.74 -8.65
CA ASP A 38 21.83 11.18 -8.63
C ASP A 38 21.65 12.14 -7.45
N ALA A 39 20.39 12.43 -7.13
CA ALA A 39 20.09 13.39 -6.08
C ALA A 39 20.50 12.87 -4.71
N THR A 40 20.27 11.58 -4.45
CA THR A 40 20.70 10.99 -3.18
C THR A 40 22.22 11.08 -3.04
N ASP A 41 22.94 10.71 -4.09
CA ASP A 41 24.40 10.83 -4.09
C ASP A 41 24.82 12.27 -3.83
N ARG A 42 24.11 13.24 -4.42
CA ARG A 42 24.46 14.64 -4.24
C ARG A 42 24.32 15.07 -2.78
N CYS A 43 23.33 14.52 -2.06
CA CYS A 43 23.21 14.81 -0.63
C CYS A 43 24.50 14.48 0.11
N CYS A 44 25.09 13.32 -0.21
CA CYS A 44 26.30 12.90 0.47
C CYS A 44 27.51 13.71 0.02
N TYR A 45 27.55 14.13 -1.24
CA TYR A 45 28.59 15.03 -1.70
C TYR A 45 28.55 16.34 -0.93
N VAL A 46 27.36 16.95 -0.82
CA VAL A 46 27.21 18.20 -0.08
C VAL A 46 27.60 17.99 1.38
N HIS A 47 27.19 16.86 1.95
CA HIS A 47 27.54 16.54 3.34
C HIS A 47 29.05 16.45 3.53
N LYS A 48 29.75 15.81 2.58
CA LYS A 48 31.20 15.72 2.67
C LYS A 48 31.84 17.10 2.56
N CYS A 49 31.27 17.98 1.73
CA CYS A 49 31.76 19.35 1.68
C CYS A 49 31.50 20.07 3.01
N CYS A 50 30.37 19.75 3.66
CA CYS A 50 30.07 20.29 4.98
C CYS A 50 31.13 19.88 5.99
N TYR A 51 31.53 18.61 5.98
CA TYR A 51 32.57 18.12 6.88
C TYR A 51 33.90 18.81 6.63
N LYS A 52 34.17 19.18 5.37
CA LYS A 52 35.46 19.74 5.01
C LYS A 52 35.76 21.02 5.76
N LYS A 53 34.74 21.79 6.11
CA LYS A 53 34.94 23.06 6.81
C LYS A 53 35.16 22.88 8.31
N LEU A 54 34.95 21.68 8.84
CA LEU A 54 35.05 21.44 10.29
C LEU A 54 36.46 20.98 10.61
N THR A 55 37.34 21.94 10.86
CA THR A 55 38.74 21.64 11.15
C THR A 55 39.06 21.60 12.65
N ASP A 56 38.24 22.23 13.48
CA ASP A 56 38.48 22.28 14.92
C ASP A 56 37.93 21.07 15.67
N CYS A 57 37.37 20.08 14.97
CA CYS A 57 36.91 18.86 15.61
C CYS A 57 37.02 17.73 14.59
N ASN A 58 36.57 16.53 15.01
CA ASN A 58 36.66 15.33 14.18
C ASN A 58 35.25 14.87 13.83
N PRO A 59 34.77 15.15 12.61
CA PRO A 59 33.37 14.88 12.30
C PRO A 59 32.95 13.41 12.46
N LYS A 60 33.78 12.47 12.05
CA LYS A 60 33.39 11.07 12.13
C LYS A 60 33.43 10.54 13.56
N LYS A 61 34.28 11.11 14.41
CA LYS A 61 34.56 10.53 15.72
C LYS A 61 33.90 11.27 16.88
N ASP A 62 33.75 12.59 16.79
CA ASP A 62 33.34 13.37 17.96
C ASP A 62 31.84 13.30 18.17
N ARG A 63 31.44 13.05 19.42
CA ARG A 63 30.04 12.95 19.78
C ARG A 63 29.43 14.33 19.98
N TYR A 64 28.11 14.38 19.83
CA TYR A 64 27.34 15.59 20.12
C TYR A 64 25.95 15.16 20.57
N SER A 65 25.17 16.12 21.05
CA SER A 65 23.84 15.87 21.54
C SER A 65 22.79 16.41 20.57
N TYR A 66 21.70 15.67 20.41
CA TYR A 66 20.54 16.15 19.69
C TYR A 66 19.30 15.43 20.23
N SER A 67 18.14 16.01 19.94
CA SER A 67 16.88 15.43 20.39
C SER A 67 15.94 15.26 19.22
N TRP A 68 15.04 14.29 19.37
CA TRP A 68 13.98 14.00 18.41
C TRP A 68 12.71 14.62 18.97
N LYS A 69 12.42 15.85 18.58
CA LYS A 69 11.35 16.65 19.16
C LYS A 69 10.35 17.01 18.08
N ASN A 70 9.11 16.54 18.24
CA ASN A 70 8.06 16.74 17.25
C ASN A 70 8.52 16.29 15.87
N LYS A 71 9.16 15.11 15.84
CA LYS A 71 9.65 14.50 14.61
C LYS A 71 10.54 15.46 13.83
N THR A 72 11.39 16.17 14.58
CA THR A 72 12.39 17.07 14.03
C THR A 72 13.69 16.82 14.74
N ILE A 73 14.78 16.83 13.99
CA ILE A 73 16.11 16.76 14.58
C ILE A 73 16.45 18.14 15.13
N VAL A 74 16.71 18.22 16.42
CA VAL A 74 17.04 19.48 17.08
C VAL A 74 18.43 19.34 17.66
N CYS A 75 19.41 19.99 17.03
CA CYS A 75 20.78 19.95 17.52
C CYS A 75 20.88 20.70 18.85
N GLY A 76 21.52 20.08 19.82
CA GLY A 76 21.81 20.77 21.06
C GLY A 76 22.91 21.81 20.87
N GLU A 77 22.92 22.79 21.76
CA GLU A 77 23.96 23.80 21.71
CA GLU A 77 23.96 23.81 21.75
C GLU A 77 25.33 23.18 22.04
N ASN A 78 26.37 23.79 21.48
CA ASN A 78 27.73 23.29 21.65
C ASN A 78 28.68 24.37 21.12
N ASN A 79 29.97 24.05 21.13
CA ASN A 79 30.93 24.95 20.49
C ASN A 79 30.66 24.99 18.98
N ALA A 80 31.36 25.90 18.31
CA ALA A 80 31.09 26.17 16.89
C ALA A 80 31.24 24.91 16.05
N CYS A 81 32.33 24.16 16.27
CA CYS A 81 32.61 23.00 15.42
C CYS A 81 31.58 21.90 15.61
N LEU A 82 31.22 21.59 16.85
CA LEU A 82 30.32 20.46 17.09
C LEU A 82 28.87 20.80 16.74
N LYS A 83 28.44 22.03 16.99
CA LYS A 83 27.11 22.44 16.54
C LYS A 83 27.01 22.43 15.03
N GLU A 84 28.04 22.93 14.35
CA GLU A 84 28.07 22.89 12.89
C GLU A 84 28.07 21.45 12.40
N LEU A 85 28.76 20.56 13.12
CA LEU A 85 28.81 19.16 12.75
C LEU A 85 27.43 18.52 12.82
N CYS A 86 26.71 18.77 13.91
CA CYS A 86 25.36 18.25 14.04
C CYS A 86 24.45 18.77 12.94
N GLU A 87 24.60 20.05 12.58
CA GLU A 87 23.78 20.62 11.51
C GLU A 87 24.15 20.03 10.15
N CYS A 88 25.42 19.70 9.93
CA CYS A 88 25.79 18.96 8.72
C CYS A 88 25.03 17.65 8.64
N ASP A 89 25.00 16.91 9.74
CA ASP A 89 24.35 15.59 9.76
C ASP A 89 22.83 15.72 9.61
N LYS A 90 22.24 16.69 10.31
CA LYS A 90 20.80 16.92 10.18
C LYS A 90 20.44 17.24 8.72
N ALA A 91 21.27 18.03 8.06
CA ALA A 91 20.98 18.42 6.68
C ALA A 91 21.02 17.23 5.74
N VAL A 92 21.99 16.32 5.92
CA VAL A 92 22.06 15.19 5.00
C VAL A 92 20.94 14.21 5.28
N ALA A 93 20.53 14.05 6.54
CA ALA A 93 19.39 13.18 6.84
C ALA A 93 18.12 13.72 6.18
N ILE A 94 17.92 15.03 6.25
CA ILE A 94 16.76 15.64 5.60
C ILE A 94 16.86 15.48 4.09
N CYS A 95 18.04 15.78 3.52
CA CYS A 95 18.23 15.67 2.08
C CYS A 95 17.93 14.27 1.58
N LEU A 96 18.38 13.24 2.32
CA LEU A 96 18.15 11.88 1.89
C LEU A 96 16.66 11.52 1.92
N ARG A 97 15.93 11.97 2.95
CA ARG A 97 14.49 11.77 2.97
C ARG A 97 13.84 12.43 1.77
N GLU A 98 14.18 13.70 1.51
CA GLU A 98 13.54 14.46 0.44
C GLU A 98 13.72 13.80 -0.91
N ASN A 99 14.78 13.01 -1.09
CA ASN A 99 15.10 12.42 -2.37
C ASN A 99 14.88 10.91 -2.41
N LEU A 100 14.09 10.38 -1.47
CA LEU A 100 13.73 8.97 -1.53
C LEU A 100 12.94 8.65 -2.80
N ASP A 101 12.27 9.66 -3.37
CA ASP A 101 11.44 9.42 -4.54
C ASP A 101 12.26 8.98 -5.75
N THR A 102 13.55 9.33 -5.80
CA THR A 102 14.42 8.91 -6.89
C THR A 102 15.55 7.99 -6.42
N TYR A 103 15.50 7.53 -5.18
CA TYR A 103 16.44 6.50 -4.74
C TYR A 103 16.32 5.29 -5.64
N ASN A 104 17.46 4.81 -6.13
CA ASN A 104 17.49 3.61 -6.95
C ASN A 104 18.70 2.78 -6.55
N LYS A 105 18.44 1.56 -6.06
CA LYS A 105 19.48 0.69 -5.53
C LYS A 105 20.45 0.24 -6.63
N LYS A 106 20.19 0.63 -7.87
CA LYS A 106 21.16 0.38 -8.94
C LYS A 106 22.49 1.06 -8.65
N TYR A 107 22.48 2.18 -7.94
CA TYR A 107 23.69 2.95 -7.67
C TYR A 107 24.47 2.43 -6.46
N LYS A 108 23.95 1.42 -5.78
CA LYS A 108 24.70 0.78 -4.71
C LYS A 108 25.93 0.08 -5.28
N ASN A 109 27.10 0.38 -4.73
CA ASN A 109 28.35 -0.12 -5.28
C ASN A 109 28.39 -1.64 -5.25
N ASN A 110 27.82 -2.24 -4.20
CA ASN A 110 27.81 -3.70 -4.02
C ASN A 110 29.21 -4.28 -4.15
N TYR A 111 30.18 -3.56 -3.59
CA TYR A 111 31.58 -3.96 -3.51
C TYR A 111 32.26 -4.00 -4.88
N LEU A 112 31.69 -3.30 -5.87
CA LEU A 112 32.36 -3.03 -7.14
C LEU A 112 32.54 -1.52 -7.24
N LYS A 113 33.78 -1.08 -7.34
CA LYS A 113 34.07 0.35 -7.45
C LYS A 113 33.49 0.89 -8.75
N PRO A 114 32.58 1.86 -8.69
CA PRO A 114 31.96 2.38 -9.92
C PRO A 114 32.85 3.41 -10.60
N PHE A 115 32.42 3.80 -11.79
CA PHE A 115 33.07 4.88 -12.53
C PHE A 115 32.71 6.20 -11.85
N CYS A 116 33.70 6.86 -11.26
CA CYS A 116 33.47 8.10 -10.52
C CYS A 116 34.40 9.18 -11.06
N ASP A 117 33.82 10.27 -11.54
CA ASP A 117 34.58 11.41 -12.01
C ASP A 117 35.06 12.25 -10.84
N LYS A 118 36.12 13.01 -11.07
CA LYS A 118 36.58 13.97 -10.08
C LYS A 118 35.49 15.00 -9.80
N ALA A 119 35.21 15.24 -8.53
CA ALA A 119 34.13 16.13 -8.17
C ALA A 119 34.51 17.59 -8.36
N LEU A 120 33.49 18.43 -8.53
CA LEU A 120 33.71 19.86 -8.52
C LEU A 120 34.25 20.28 -7.16
N PRO A 121 35.08 21.33 -7.10
CA PRO A 121 35.74 21.68 -5.84
C PRO A 121 34.78 22.24 -4.82
N CYS A 122 35.15 22.07 -3.55
CA CYS A 122 34.42 22.66 -2.43
C CYS A 122 35.35 22.73 -1.22
N SER B 1 -1.30 -5.22 15.89
CA SER B 1 -0.89 -5.88 17.12
C SER B 1 0.05 -4.97 17.93
N LEU B 2 0.44 -5.45 19.11
CA LEU B 2 1.34 -4.66 19.96
C LEU B 2 2.69 -4.43 19.28
N VAL B 3 3.09 -5.32 18.36
CA VAL B 3 4.35 -5.13 17.64
C VAL B 3 4.27 -3.86 16.80
N GLU B 4 3.19 -3.70 16.04
CA GLU B 4 3.04 -2.49 15.23
C GLU B 4 2.83 -1.26 16.11
N LEU B 5 2.07 -1.41 17.18
CA LEU B 5 1.84 -0.28 18.10
C LEU B 5 3.14 0.18 18.72
N GLY B 6 3.97 -0.75 19.18
CA GLY B 6 5.22 -0.38 19.82
C GLY B 6 6.18 0.33 18.88
N LYS B 7 6.19 -0.07 17.60
CA LYS B 7 7.06 0.61 16.65
C LYS B 7 6.57 2.02 16.37
N MET B 8 5.24 2.20 16.28
CA MET B 8 4.69 3.54 16.08
C MET B 8 5.05 4.47 17.23
N ILE B 9 4.94 3.99 18.46
CA ILE B 9 5.24 4.83 19.62
C ILE B 9 6.71 5.24 19.61
N LEU B 10 7.60 4.31 19.25
CA LEU B 10 9.01 4.65 19.14
C LEU B 10 9.25 5.67 18.03
N GLN B 11 8.59 5.49 16.89
CA GLN B 11 8.80 6.40 15.76
C GLN B 11 8.32 7.81 16.09
N GLU B 12 7.18 7.93 16.77
CA GLU B 12 6.60 9.24 17.05
C GLU B 12 7.27 9.92 18.23
N THR B 13 7.39 9.21 19.35
CA THR B 13 7.89 9.81 20.59
C THR B 13 9.39 9.69 20.76
N GLY B 14 10.04 8.73 20.09
CA GLY B 14 11.41 8.41 20.38
C GLY B 14 11.63 7.63 21.65
N LYS B 15 10.56 7.21 22.32
CA LYS B 15 10.63 6.51 23.60
C LYS B 15 10.36 5.03 23.42
N ASN B 16 10.97 4.23 24.29
CA ASN B 16 10.67 2.81 24.39
C ASN B 16 9.28 2.64 24.97
N PRO B 17 8.33 2.01 24.26
CA PRO B 17 6.97 1.93 24.80
C PRO B 17 6.86 1.09 26.06
N VAL B 18 7.70 0.09 26.22
CA VAL B 18 7.66 -0.72 27.44
C VAL B 18 8.13 0.08 28.64
N THR B 19 9.31 0.70 28.53
CA THR B 19 9.91 1.36 29.68
C THR B 19 9.21 2.68 30.02
N SER B 20 8.63 3.34 29.02
CA SER B 20 7.96 4.62 29.25
C SER B 20 6.46 4.49 29.45
N TYR B 21 5.82 3.49 28.84
CA TYR B 21 4.36 3.41 28.84
C TYR B 21 3.83 2.02 29.19
N GLY B 22 4.68 1.12 29.70
CA GLY B 22 4.23 -0.22 30.02
C GLY B 22 3.24 -0.26 31.16
N ALA B 23 3.31 0.70 32.08
CA ALA B 23 2.37 0.81 33.18
C ALA B 23 2.36 2.24 33.71
N TYR B 24 1.77 3.15 32.95
CA TYR B 24 1.76 4.57 33.27
C TYR B 24 0.33 5.00 33.61
N GLY B 25 0.18 5.65 34.76
CA GLY B 25 -1.12 6.21 35.13
C GLY B 25 -2.14 5.12 35.39
N CYS B 26 -3.38 5.42 35.02
CA CYS B 26 -4.50 4.51 35.21
C CYS B 26 -4.96 3.84 33.92
N ASN B 27 -4.31 4.13 32.80
CA ASN B 27 -4.75 3.62 31.50
C ASN B 27 -3.63 3.08 30.62
N CYS B 28 -2.40 3.56 30.71
CA CYS B 28 -1.37 3.21 29.77
C CYS B 28 -0.74 1.85 30.11
N GLY B 29 -0.82 0.90 29.19
CA GLY B 29 -0.22 -0.39 29.35
C GLY B 29 -0.91 -1.33 30.32
N VAL B 30 -1.72 -0.81 31.23
CA VAL B 30 -2.39 -1.64 32.22
C VAL B 30 -3.73 -2.11 31.66
N LEU B 31 -4.34 -3.10 32.30
CA LEU B 31 -5.65 -3.57 31.90
C LEU B 31 -6.73 -2.64 32.42
N GLY B 32 -7.69 -2.33 31.57
CA GLY B 32 -8.88 -1.60 32.01
C GLY B 32 -8.70 -0.10 31.97
N ARG B 33 -9.84 0.59 31.83
CA ARG B 33 -9.85 2.04 31.79
C ARG B 33 -10.04 2.61 33.19
N GLY B 34 -9.47 3.80 33.41
CA GLY B 34 -9.66 4.53 34.65
C GLY B 34 -9.68 6.01 34.35
N LYS B 35 -10.12 6.78 35.34
CA LYS B 35 -10.11 8.23 35.22
C LYS B 35 -8.67 8.68 34.96
N PRO B 36 -8.41 9.38 33.86
CA PRO B 36 -7.02 9.73 33.52
C PRO B 36 -6.39 10.65 34.55
N LYS B 37 -5.13 10.36 34.87
CA LYS B 37 -4.37 11.16 35.82
C LYS B 37 -3.69 12.36 35.17
N ASP B 38 -3.43 12.31 33.87
CA ASP B 38 -2.88 13.45 33.13
C ASP B 38 -3.15 13.24 31.65
N ALA B 39 -2.59 14.11 30.81
CA ALA B 39 -2.89 14.08 29.39
C ALA B 39 -2.33 12.83 28.72
N THR B 40 -1.13 12.41 29.11
CA THR B 40 -0.58 11.15 28.59
C THR B 40 -1.53 9.99 28.90
N ASP B 41 -1.99 9.93 30.15
CA ASP B 41 -2.93 8.87 30.55
C ASP B 41 -4.20 8.91 29.72
N ARG B 42 -4.69 10.12 29.43
CA ARG B 42 -5.92 10.24 28.65
C ARG B 42 -5.74 9.73 27.22
N CYS B 43 -4.54 9.88 26.65
CA CYS B 43 -4.24 9.27 25.35
C CYS B 43 -4.55 7.78 25.37
N CYS B 44 -4.11 7.09 26.42
CA CYS B 44 -4.32 5.66 26.51
C CYS B 44 -5.78 5.34 26.83
N TYR B 45 -6.46 6.22 27.56
CA TYR B 45 -7.89 6.07 27.77
C TYR B 45 -8.65 6.09 26.45
N VAL B 46 -8.39 7.11 25.63
CA VAL B 46 -9.03 7.21 24.32
C VAL B 46 -8.68 5.99 23.46
N HIS B 47 -7.43 5.54 23.55
CA HIS B 47 -6.99 4.39 22.77
C HIS B 47 -7.74 3.13 23.17
N LYS B 48 -7.92 2.91 24.48
CA LYS B 48 -8.71 1.77 24.93
C LYS B 48 -10.16 1.88 24.48
N CYS B 49 -10.70 3.10 24.44
CA CYS B 49 -12.04 3.28 23.90
C CYS B 49 -12.07 3.00 22.40
N CYS B 50 -11.00 3.37 21.70
CA CYS B 50 -10.86 3.03 20.28
C CYS B 50 -10.90 1.53 20.06
N TYR B 51 -10.13 0.79 20.86
CA TYR B 51 -10.13 -0.67 20.76
C TYR B 51 -11.51 -1.26 21.04
N LYS B 52 -12.22 -0.72 22.03
CA LYS B 52 -13.49 -1.31 22.43
C LYS B 52 -14.52 -1.27 21.30
N LYS B 53 -14.38 -0.36 20.33
CA LYS B 53 -15.28 -0.33 19.19
C LYS B 53 -14.97 -1.40 18.16
N LEU B 54 -13.78 -2.00 18.21
CA LEU B 54 -13.35 -2.98 17.23
C LEU B 54 -13.74 -4.37 17.71
N THR B 55 -14.71 -4.99 17.05
CA THR B 55 -15.15 -6.33 17.42
C THR B 55 -14.98 -7.38 16.32
N ASP B 56 -14.66 -6.98 15.09
CA ASP B 56 -14.49 -7.92 14.00
C ASP B 56 -13.06 -8.42 13.83
N CYS B 57 -12.11 -7.89 14.60
CA CYS B 57 -10.72 -8.32 14.55
C CYS B 57 -10.17 -8.34 15.97
N ASN B 58 -8.89 -8.70 16.10
CA ASN B 58 -8.26 -8.81 17.42
C ASN B 58 -7.23 -7.69 17.56
N PRO B 59 -7.56 -6.61 18.25
CA PRO B 59 -6.63 -5.45 18.28
C PRO B 59 -5.28 -5.75 18.91
N LYS B 60 -5.21 -6.69 19.85
CA LYS B 60 -3.94 -6.96 20.51
C LYS B 60 -3.04 -7.90 19.70
N LYS B 61 -3.63 -8.77 18.87
CA LYS B 61 -2.84 -9.82 18.23
C LYS B 61 -2.83 -9.78 16.71
N ASP B 62 -3.75 -9.08 16.05
CA ASP B 62 -3.83 -9.10 14.60
C ASP B 62 -2.81 -8.14 13.98
N ARG B 63 -2.08 -8.62 12.98
CA ARG B 63 -1.12 -7.76 12.30
C ARG B 63 -1.78 -6.89 11.25
N TYR B 64 -1.07 -5.84 10.90
CA TYR B 64 -1.43 -4.98 9.79
C TYR B 64 -0.17 -4.34 9.26
N SER B 65 -0.29 -3.73 8.09
CA SER B 65 0.81 -3.07 7.41
C SER B 65 0.66 -1.56 7.53
N TYR B 66 1.79 -0.89 7.80
CA TYR B 66 1.88 0.55 7.70
C TYR B 66 3.29 0.91 7.28
N SER B 67 3.46 2.14 6.80
CA SER B 67 4.75 2.60 6.33
C SER B 67 5.06 3.98 6.90
N TRP B 68 6.34 4.32 6.85
CA TRP B 68 6.87 5.59 7.34
C TRP B 68 7.19 6.43 6.10
N LYS B 69 6.33 7.40 5.82
CA LYS B 69 6.42 8.21 4.61
C LYS B 69 6.39 9.67 5.00
N ASN B 70 7.39 10.44 4.56
CA ASN B 70 7.50 11.85 4.92
C ASN B 70 7.34 12.04 6.43
N LYS B 71 8.00 11.17 7.19
CA LYS B 71 7.95 11.18 8.66
C LYS B 71 6.51 11.13 9.16
N THR B 72 5.69 10.31 8.48
CA THR B 72 4.28 10.15 8.83
C THR B 72 3.95 8.67 8.86
N ILE B 73 3.21 8.26 9.88
CA ILE B 73 2.61 6.92 9.89
C ILE B 73 1.48 6.90 8.88
N VAL B 74 1.58 5.99 7.91
CA VAL B 74 0.58 5.85 6.86
C VAL B 74 0.06 4.43 6.92
N CYS B 75 -1.18 4.26 7.37
CA CYS B 75 -1.78 2.94 7.47
C CYS B 75 -1.99 2.34 6.09
N GLY B 76 -1.53 1.11 5.92
CA GLY B 76 -1.77 0.41 4.67
C GLY B 76 -3.24 0.04 4.50
N GLU B 77 -3.66 -0.05 3.25
CA GLU B 77 -5.05 -0.40 2.98
C GLU B 77 -5.33 -1.83 3.41
N ASN B 78 -6.47 -2.02 4.06
CA ASN B 78 -6.85 -3.29 4.64
C ASN B 78 -8.38 -3.34 4.65
N ASN B 79 -8.95 -4.22 5.48
CA ASN B 79 -10.39 -4.19 5.70
C ASN B 79 -10.72 -3.09 6.71
N ALA B 80 -12.02 -2.91 6.97
CA ALA B 80 -12.46 -1.85 7.86
C ALA B 80 -11.85 -2.01 9.26
N CYS B 81 -11.86 -3.23 9.80
CA CYS B 81 -11.39 -3.44 11.16
C CYS B 81 -9.90 -3.20 11.29
N LEU B 82 -9.11 -3.77 10.36
CA LEU B 82 -7.66 -3.62 10.46
C LEU B 82 -7.21 -2.20 10.16
N LYS B 83 -7.91 -1.50 9.27
CA LYS B 83 -7.60 -0.10 9.03
C LYS B 83 -7.94 0.76 10.25
N GLU B 84 -9.11 0.53 10.84
CA GLU B 84 -9.48 1.24 12.06
C GLU B 84 -8.51 0.92 13.18
N LEU B 85 -8.06 -0.35 13.26
CA LEU B 85 -7.07 -0.73 14.26
C LEU B 85 -5.79 0.07 14.09
N CYS B 86 -5.24 0.09 12.87
CA CYS B 86 -4.02 0.85 12.61
C CYS B 86 -4.22 2.34 12.93
N GLU B 87 -5.40 2.88 12.63
CA GLU B 87 -5.66 4.28 12.93
C GLU B 87 -5.79 4.53 14.43
N CYS B 88 -6.33 3.56 15.18
CA CYS B 88 -6.30 3.65 16.64
C CYS B 88 -4.86 3.77 17.13
N ASP B 89 -3.98 2.90 16.64
CA ASP B 89 -2.59 2.87 17.09
C ASP B 89 -1.85 4.14 16.67
N LYS B 90 -2.07 4.60 15.45
CA LYS B 90 -1.44 5.82 14.99
C LYS B 90 -1.86 7.02 15.84
N ALA B 91 -3.13 7.05 16.23
CA ALA B 91 -3.65 8.18 17.00
C ALA B 91 -3.06 8.21 18.42
N VAL B 92 -2.85 7.05 19.03
CA VAL B 92 -2.29 7.05 20.39
C VAL B 92 -0.80 7.39 20.35
N ALA B 93 -0.09 6.90 19.34
CA ALA B 93 1.32 7.25 19.21
C ALA B 93 1.49 8.75 19.03
N ILE B 94 0.62 9.35 18.22
CA ILE B 94 0.66 10.80 18.00
C ILE B 94 0.30 11.54 19.29
N CYS B 95 -0.77 11.10 19.96
CA CYS B 95 -1.21 11.76 21.19
C CYS B 95 -0.13 11.70 22.25
N LEU B 96 0.52 10.55 22.41
CA LEU B 96 1.58 10.43 23.41
C LEU B 96 2.72 11.40 23.12
N ARG B 97 3.04 11.61 21.84
CA ARG B 97 4.10 12.55 21.50
C ARG B 97 3.71 13.97 21.90
N GLU B 98 2.47 14.38 21.62
CA GLU B 98 2.05 15.75 21.91
C GLU B 98 2.08 16.08 23.39
N ASN B 99 1.96 15.07 24.25
CA ASN B 99 1.89 15.31 25.68
C ASN B 99 3.14 14.83 26.41
N LEU B 100 4.26 14.68 25.68
CA LEU B 100 5.54 14.41 26.32
C LEU B 100 5.94 15.52 27.28
N ASP B 101 5.41 16.73 27.10
CA ASP B 101 5.79 17.86 27.94
C ASP B 101 5.44 17.63 29.40
N THR B 102 4.27 17.06 29.67
CA THR B 102 3.80 16.84 31.03
C THR B 102 3.94 15.40 31.48
N TYR B 103 4.65 14.57 30.72
CA TYR B 103 4.95 13.22 31.16
C TYR B 103 5.63 13.28 32.52
N ASN B 104 5.07 12.54 33.48
CA ASN B 104 5.56 12.54 34.85
C ASN B 104 5.99 11.13 35.22
N LYS B 105 7.28 10.95 35.49
CA LYS B 105 7.79 9.65 35.91
C LYS B 105 7.13 9.17 37.19
N LYS B 106 6.56 10.07 37.98
CA LYS B 106 5.86 9.68 39.20
C LYS B 106 4.65 8.81 38.92
N TYR B 107 4.14 8.81 37.69
CA TYR B 107 3.00 8.00 37.29
C TYR B 107 3.42 6.66 36.69
N LYS B 108 4.72 6.44 36.54
CA LYS B 108 5.23 5.21 35.95
CA LYS B 108 5.25 5.22 35.95
C LYS B 108 5.11 4.06 36.94
N ASN B 109 5.34 2.84 36.43
CA ASN B 109 5.42 1.62 37.24
C ASN B 109 4.15 1.37 38.05
N ASN B 110 3.00 1.78 37.52
CA ASN B 110 1.69 1.46 38.11
C ASN B 110 1.59 1.89 39.57
N TYR B 111 2.31 2.95 39.93
CA TYR B 111 2.24 3.48 41.29
C TYR B 111 0.82 3.90 41.65
N LEU B 112 0.09 4.45 40.68
CA LEU B 112 -1.21 5.05 40.92
C LEU B 112 -2.35 4.05 40.95
N LYS B 113 -2.06 2.75 40.90
CA LYS B 113 -3.12 1.74 40.93
C LYS B 113 -4.11 1.93 42.08
N PRO B 114 -3.70 2.22 43.32
CA PRO B 114 -4.69 2.48 44.37
C PRO B 114 -5.37 3.84 44.24
N PHE B 115 -4.88 4.73 43.37
CA PHE B 115 -5.46 6.05 43.18
C PHE B 115 -6.43 6.11 42.02
N CYS B 116 -6.64 5.01 41.30
CA CYS B 116 -7.40 5.05 40.06
C CYS B 116 -8.90 5.06 40.35
N ASP B 117 -9.58 6.04 39.79
CA ASP B 117 -11.02 6.19 39.93
C ASP B 117 -11.73 5.55 38.73
N LYS B 118 -13.00 5.25 38.92
CA LYS B 118 -13.83 4.76 37.81
C LYS B 118 -13.85 5.80 36.70
N ALA B 119 -13.66 5.34 35.47
CA ALA B 119 -13.58 6.26 34.35
C ALA B 119 -14.98 6.67 33.89
N LEU B 120 -15.04 7.84 33.25
CA LEU B 120 -16.25 8.20 32.52
C LEU B 120 -16.45 7.21 31.37
N PRO B 121 -17.69 6.96 30.97
CA PRO B 121 -17.91 6.03 29.85
C PRO B 121 -17.39 6.61 28.55
N CYS B 122 -17.07 5.70 27.63
CA CYS B 122 -16.54 6.11 26.33
C CYS B 122 -17.63 6.76 25.50
N SER C 1 -26.45 -17.89 -16.20
CA SER C 1 -26.15 -19.08 -15.41
C SER C 1 -25.07 -18.77 -14.38
N LEU C 2 -24.64 -19.81 -13.66
CA LEU C 2 -23.54 -19.63 -12.71
C LEU C 2 -22.24 -19.28 -13.42
N VAL C 3 -22.13 -19.58 -14.71
CA VAL C 3 -20.95 -19.19 -15.47
C VAL C 3 -20.84 -17.67 -15.55
N GLU C 4 -21.94 -17.01 -15.96
CA GLU C 4 -21.94 -15.56 -16.05
C GLU C 4 -21.80 -14.91 -14.69
N LEU C 5 -22.54 -15.42 -13.69
CA LEU C 5 -22.49 -14.85 -12.35
C LEU C 5 -21.07 -14.87 -11.80
N GLY C 6 -20.38 -16.00 -11.94
CA GLY C 6 -19.03 -16.11 -11.41
C GLY C 6 -18.06 -15.16 -12.09
N LYS C 7 -18.23 -14.94 -13.39
CA LYS C 7 -17.35 -14.04 -14.10
C LYS C 7 -17.57 -12.58 -13.66
N MET C 8 -18.83 -12.21 -13.42
CA MET C 8 -19.10 -10.86 -12.94
C MET C 8 -18.53 -10.62 -11.55
N ILE C 9 -18.64 -11.61 -10.68
CA ILE C 9 -18.10 -11.47 -9.33
C ILE C 9 -16.58 -11.26 -9.40
N LEU C 10 -15.90 -12.02 -10.25
CA LEU C 10 -14.46 -11.86 -10.38
C LEU C 10 -14.11 -10.53 -11.05
N GLN C 11 -14.90 -10.12 -12.04
CA GLN C 11 -14.62 -8.85 -12.73
C GLN C 11 -14.83 -7.65 -11.80
N GLU C 12 -15.86 -7.71 -10.96
CA GLU C 12 -16.15 -6.58 -10.07
C GLU C 12 -15.28 -6.61 -8.81
N THR C 13 -15.15 -7.77 -8.18
CA THR C 13 -14.50 -7.85 -6.87
C THR C 13 -13.04 -8.30 -6.94
N GLY C 14 -12.64 -9.00 -7.99
CA GLY C 14 -11.31 -9.58 -8.05
C GLY C 14 -11.15 -10.86 -7.27
N LYS C 15 -12.22 -11.40 -6.69
CA LYS C 15 -12.18 -12.61 -5.89
C LYS C 15 -12.71 -13.80 -6.67
N ASN C 16 -12.15 -14.97 -6.37
CA ASN C 16 -12.70 -16.23 -6.88
C ASN C 16 -14.07 -16.44 -6.24
N PRO C 17 -15.14 -16.57 -7.02
CA PRO C 17 -16.48 -16.73 -6.40
C PRO C 17 -16.60 -17.96 -5.51
N VAL C 18 -15.92 -19.05 -5.86
CA VAL C 18 -16.07 -20.28 -5.08
C VAL C 18 -15.33 -20.15 -3.75
N THR C 19 -14.04 -19.79 -3.80
CA THR C 19 -13.25 -19.77 -2.57
C THR C 19 -13.66 -18.63 -1.65
N SER C 20 -14.18 -17.53 -2.19
CA SER C 20 -14.55 -16.38 -1.38
C SER C 20 -16.04 -16.35 -1.03
N TYR C 21 -16.91 -16.85 -1.92
CA TYR C 21 -18.36 -16.72 -1.73
C TYR C 21 -19.09 -18.04 -1.92
N GLY C 22 -18.37 -19.17 -1.88
CA GLY C 22 -19.03 -20.45 -2.12
C GLY C 22 -19.98 -20.86 -1.01
N ALA C 23 -19.71 -20.44 0.22
CA ALA C 23 -20.56 -20.76 1.35
C ALA C 23 -20.36 -19.74 2.47
N TYR C 24 -20.62 -18.48 2.17
CA TYR C 24 -20.41 -17.38 3.09
C TYR C 24 -21.73 -17.03 3.78
N GLY C 25 -21.70 -16.98 5.11
CA GLY C 25 -22.88 -16.59 5.85
C GLY C 25 -24.03 -17.56 5.66
N CYS C 26 -25.24 -17.01 5.70
CA CYS C 26 -26.46 -17.81 5.61
C CYS C 26 -27.09 -17.78 4.23
N ASN C 27 -26.49 -17.07 3.27
CA ASN C 27 -27.10 -16.92 1.95
C ASN C 27 -26.13 -17.12 0.80
N CYS C 28 -24.87 -16.70 0.95
CA CYS C 28 -23.96 -16.68 -0.19
C CYS C 28 -23.51 -18.08 -0.57
N GLY C 29 -23.78 -18.47 -1.82
CA GLY C 29 -23.32 -19.73 -2.36
C GLY C 29 -24.10 -20.96 -1.94
N VAL C 30 -24.97 -20.86 -0.93
CA VAL C 30 -25.70 -22.00 -0.44
C VAL C 30 -27.12 -21.95 -0.97
N LEU C 31 -27.86 -23.05 -0.77
CA LEU C 31 -29.25 -23.11 -1.19
C LEU C 31 -30.16 -22.51 -0.12
N GLY C 32 -31.16 -21.77 -0.56
CA GLY C 32 -32.15 -21.21 0.34
C GLY C 32 -31.65 -19.98 1.09
N ARG C 33 -32.60 -19.19 1.56
CA ARG C 33 -32.30 -17.95 2.25
C ARG C 33 -32.34 -18.13 3.76
N GLY C 34 -31.53 -17.32 4.46
CA GLY C 34 -31.64 -17.18 5.90
C GLY C 34 -31.44 -15.73 6.27
N LYS C 35 -31.71 -15.42 7.53
CA LYS C 35 -31.49 -14.06 8.00
C LYS C 35 -30.01 -13.72 7.83
N PRO C 36 -29.68 -12.61 7.16
CA PRO C 36 -28.27 -12.36 6.81
C PRO C 36 -27.44 -12.06 8.05
N LYS C 37 -26.19 -12.51 8.01
CA LYS C 37 -25.26 -12.28 9.12
C LYS C 37 -24.57 -10.93 9.01
N ASP C 38 -24.32 -10.44 7.80
CA ASP C 38 -23.68 -9.14 7.60
C ASP C 38 -24.09 -8.59 6.24
N ALA C 39 -23.43 -7.50 5.83
CA ALA C 39 -23.80 -6.83 4.59
C ALA C 39 -23.49 -7.69 3.38
N THR C 40 -22.35 -8.37 3.37
CA THR C 40 -22.03 -9.28 2.27
C THR C 40 -23.09 -10.38 2.16
N ASP C 41 -23.46 -10.96 3.30
CA ASP C 41 -24.52 -11.97 3.31
C ASP C 41 -25.83 -11.41 2.77
N ARG C 42 -26.14 -10.15 3.10
CA ARG C 42 -27.40 -9.56 2.65
C ARG C 42 -27.42 -9.36 1.14
N CYS C 43 -26.26 -9.15 0.51
CA CYS C 43 -26.20 -9.10 -0.95
C CYS C 43 -26.77 -10.36 -1.56
N CYS C 44 -26.37 -11.52 -1.03
CA CYS C 44 -26.82 -12.79 -1.58
C CYS C 44 -28.27 -13.07 -1.22
N TYR C 45 -28.74 -12.52 -0.10
CA TYR C 45 -30.15 -12.62 0.26
C TYR C 45 -31.03 -11.92 -0.77
N VAL C 46 -30.70 -10.67 -1.09
CA VAL C 46 -31.44 -9.93 -2.10
C VAL C 46 -31.36 -10.63 -3.45
N HIS C 47 -30.18 -11.16 -3.78
CA HIS C 47 -29.98 -11.84 -5.05
C HIS C 47 -30.87 -13.07 -5.17
N LYS C 48 -31.04 -13.81 -4.07
CA LYS C 48 -31.94 -14.95 -4.11
C LYS C 48 -33.39 -14.50 -4.27
N CYS C 49 -33.75 -13.37 -3.68
CA CYS C 49 -35.08 -12.81 -3.89
C CYS C 49 -35.25 -12.33 -5.33
N CYS C 50 -34.17 -11.80 -5.93
CA CYS C 50 -34.20 -11.45 -7.35
C CYS C 50 -34.50 -12.67 -8.20
N TYR C 51 -33.84 -13.80 -7.89
CA TYR C 51 -34.01 -15.00 -8.70
C TYR C 51 -35.43 -15.54 -8.62
N LYS C 52 -36.03 -15.54 -7.43
CA LYS C 52 -37.31 -16.21 -7.26
C LYS C 52 -38.45 -15.52 -7.99
N LYS C 53 -38.25 -14.27 -8.42
CA LYS C 53 -39.24 -13.59 -9.25
C LYS C 53 -39.23 -14.06 -10.69
N LEU C 54 -38.26 -14.87 -11.10
CA LEU C 54 -37.99 -15.11 -12.50
C LEU C 54 -38.45 -16.52 -12.89
N THR C 55 -39.73 -16.62 -13.23
CA THR C 55 -40.22 -17.76 -13.97
C THR C 55 -40.00 -17.52 -15.47
N ASP C 56 -40.24 -18.56 -16.27
CA ASP C 56 -40.09 -18.61 -17.72
C ASP C 56 -38.62 -18.70 -18.14
N CYS C 57 -37.68 -18.75 -17.20
CA CYS C 57 -36.28 -19.04 -17.52
C CYS C 57 -35.61 -19.56 -16.25
N ASN C 58 -34.52 -20.30 -16.44
CA ASN C 58 -33.86 -21.00 -15.35
C ASN C 58 -32.62 -20.23 -14.92
N PRO C 59 -32.65 -19.50 -13.80
CA PRO C 59 -31.50 -18.65 -13.44
C PRO C 59 -30.20 -19.42 -13.23
N LYS C 60 -30.27 -20.68 -12.81
CA LYS C 60 -29.06 -21.42 -12.46
C LYS C 60 -28.29 -21.88 -13.70
N LYS C 61 -29.00 -22.29 -14.75
CA LYS C 61 -28.36 -22.95 -15.88
C LYS C 61 -28.55 -22.26 -17.23
N ASP C 62 -29.40 -21.23 -17.31
CA ASP C 62 -29.61 -20.54 -18.58
C ASP C 62 -28.48 -19.57 -18.84
N ARG C 63 -27.85 -19.69 -20.01
CA ARG C 63 -26.77 -18.79 -20.38
C ARG C 63 -27.35 -17.47 -20.91
N TYR C 64 -26.52 -16.43 -20.87
CA TYR C 64 -26.87 -15.15 -21.47
C TYR C 64 -25.58 -14.41 -21.80
N SER C 65 -25.73 -13.29 -22.50
CA SER C 65 -24.61 -12.48 -22.96
C SER C 65 -24.55 -11.16 -22.20
N TYR C 66 -23.34 -10.75 -21.83
CA TYR C 66 -23.09 -9.43 -21.29
C TYR C 66 -21.68 -9.01 -21.67
N SER C 67 -21.40 -7.72 -21.54
CA SER C 67 -20.11 -7.17 -21.91
C SER C 67 -19.54 -6.35 -20.77
N TRP C 68 -18.22 -6.24 -20.76
CA TRP C 68 -17.47 -5.48 -19.75
C TRP C 68 -16.91 -4.25 -20.48
N LYS C 69 -17.61 -3.13 -20.35
CA LYS C 69 -17.26 -1.90 -21.05
C LYS C 69 -17.08 -0.77 -20.04
N ASN C 70 -15.94 -0.08 -20.13
CA ASN C 70 -15.60 1.01 -19.20
C ASN C 70 -15.68 0.51 -17.76
N LYS C 71 -15.14 -0.68 -17.51
CA LYS C 71 -15.15 -1.30 -16.19
C LYS C 71 -16.56 -1.30 -15.60
N THR C 72 -17.54 -1.66 -16.41
CA THR C 72 -18.93 -1.71 -16.01
C THR C 72 -19.59 -2.91 -16.66
N ILE C 73 -20.41 -3.62 -15.89
CA ILE C 73 -21.19 -4.73 -16.44
C ILE C 73 -22.35 -4.17 -17.24
N VAL C 74 -22.45 -4.57 -18.50
CA VAL C 74 -23.51 -4.12 -19.40
C VAL C 74 -24.26 -5.35 -19.89
N CYS C 75 -25.47 -5.54 -19.38
CA CYS C 75 -26.29 -6.65 -19.80
C CYS C 75 -26.71 -6.46 -21.25
N GLY C 76 -26.49 -7.48 -22.07
CA GLY C 76 -26.91 -7.41 -23.46
C GLY C 76 -28.42 -7.41 -23.56
N GLU C 77 -28.93 -6.60 -24.49
CA GLU C 77 -30.35 -6.61 -24.80
C GLU C 77 -30.78 -8.02 -25.16
N ASN C 78 -31.77 -8.53 -24.45
CA ASN C 78 -32.08 -9.95 -24.54
C ASN C 78 -33.56 -10.17 -24.28
N ASN C 79 -33.93 -11.45 -24.16
CA ASN C 79 -35.21 -11.85 -23.62
C ASN C 79 -35.48 -11.11 -22.31
N ALA C 80 -36.76 -10.91 -22.01
CA ALA C 80 -37.15 -10.22 -20.78
C ALA C 80 -36.60 -10.92 -19.55
N CYS C 81 -36.81 -12.25 -19.45
CA CYS C 81 -36.31 -13.00 -18.31
C CYS C 81 -34.78 -12.99 -18.28
N LEU C 82 -34.14 -13.19 -19.44
CA LEU C 82 -32.68 -13.24 -19.47
C LEU C 82 -32.08 -11.87 -19.12
N LYS C 83 -32.70 -10.79 -19.60
CA LYS C 83 -32.22 -9.46 -19.24
C LYS C 83 -32.35 -9.22 -17.73
N GLU C 84 -33.51 -9.56 -17.16
CA GLU C 84 -33.70 -9.42 -15.73
C GLU C 84 -32.76 -10.33 -14.95
N LEU C 85 -32.52 -11.54 -15.47
CA LEU C 85 -31.58 -12.44 -14.83
C LEU C 85 -30.18 -11.85 -14.81
N CYS C 86 -29.75 -11.27 -15.93
CA CYS C 86 -28.45 -10.62 -15.98
C CYS C 86 -28.39 -9.45 -15.00
N GLU C 87 -29.48 -8.68 -14.89
CA GLU C 87 -29.49 -7.56 -13.95
C GLU C 87 -29.49 -8.05 -12.50
N CYS C 88 -30.01 -9.25 -12.23
CA CYS C 88 -29.87 -9.82 -10.89
C CYS C 88 -28.40 -10.07 -10.56
N ASP C 89 -27.69 -10.74 -11.47
CA ASP C 89 -26.29 -11.09 -11.21
C ASP C 89 -25.41 -9.85 -11.15
N LYS C 90 -25.72 -8.84 -11.95
CA LYS C 90 -24.94 -7.60 -11.92
C LYS C 90 -25.08 -6.89 -10.58
N ALA C 91 -26.30 -6.87 -10.03
CA ALA C 91 -26.53 -6.21 -8.75
C ALA C 91 -25.75 -6.89 -7.63
N VAL C 92 -25.72 -8.22 -7.61
CA VAL C 92 -25.04 -8.92 -6.52
C VAL C 92 -23.53 -8.80 -6.66
N ALA C 93 -23.01 -8.73 -7.90
CA ALA C 93 -21.59 -8.52 -8.08
C ALA C 93 -21.16 -7.16 -7.53
N ILE C 94 -21.93 -6.11 -7.87
CA ILE C 94 -21.64 -4.78 -7.35
C ILE C 94 -21.77 -4.76 -5.84
N CYS C 95 -22.81 -5.40 -5.31
CA CYS C 95 -23.05 -5.40 -3.87
C CYS C 95 -21.92 -6.09 -3.12
N LEU C 96 -21.41 -7.20 -3.66
CA LEU C 96 -20.31 -7.89 -2.99
C LEU C 96 -19.04 -7.06 -3.00
N ARG C 97 -18.75 -6.39 -4.13
CA ARG C 97 -17.59 -5.51 -4.17
C ARG C 97 -17.70 -4.39 -3.14
N GLU C 98 -18.88 -3.77 -3.05
CA GLU C 98 -19.07 -2.64 -2.17
C GLU C 98 -18.89 -3.00 -0.70
N ASN C 99 -19.06 -4.26 -0.33
CA ASN C 99 -18.99 -4.67 1.06
C ASN C 99 -17.76 -5.54 1.35
N LEU C 100 -16.76 -5.49 0.48
CA LEU C 100 -15.52 -6.21 0.75
C LEU C 100 -14.85 -5.70 2.03
N ASP C 101 -15.12 -4.46 2.43
CA ASP C 101 -14.44 -3.88 3.58
C ASP C 101 -14.87 -4.53 4.89
N THR C 102 -16.08 -5.10 4.94
CA THR C 102 -16.55 -5.79 6.14
C THR C 102 -16.64 -7.30 5.94
N TYR C 103 -16.13 -7.81 4.81
CA TYR C 103 -16.01 -9.25 4.62
C TYR C 103 -15.30 -9.87 5.81
N ASN C 104 -15.91 -10.89 6.39
CA ASN C 104 -15.43 -11.50 7.61
C ASN C 104 -15.12 -12.98 7.36
N LYS C 105 -13.87 -13.37 7.58
CA LYS C 105 -13.45 -14.74 7.30
C LYS C 105 -14.17 -15.76 8.18
N LYS C 106 -14.69 -15.31 9.32
CA LYS C 106 -15.32 -16.28 10.24
C LYS C 106 -16.63 -16.77 9.63
N TYR C 107 -17.09 -16.14 8.57
CA TYR C 107 -18.40 -16.56 8.04
C TYR C 107 -18.24 -17.48 6.82
N LYS C 108 -17.04 -17.86 6.46
CA LYS C 108 -16.97 -18.69 5.24
C LYS C 108 -17.05 -20.18 5.56
N ASN C 109 -17.16 -20.93 4.49
CA ASN C 109 -17.07 -22.40 4.52
C ASN C 109 -18.11 -23.02 5.46
N ASN C 110 -19.28 -22.37 5.57
CA ASN C 110 -20.40 -22.88 6.34
C ASN C 110 -20.05 -23.06 7.82
N TYR C 111 -19.43 -22.03 8.40
CA TYR C 111 -19.32 -21.99 9.86
C TYR C 111 -20.62 -21.53 10.49
N LEU C 112 -21.42 -20.76 9.76
CA LEU C 112 -22.68 -20.23 10.27
C LEU C 112 -23.88 -21.13 9.97
N LYS C 113 -23.70 -22.15 9.12
CA LYS C 113 -24.82 -22.99 8.68
C LYS C 113 -25.69 -23.51 9.82
N PRO C 114 -25.16 -24.09 10.90
CA PRO C 114 -26.05 -24.56 11.98
C PRO C 114 -26.75 -23.45 12.74
N PHE C 115 -26.32 -22.19 12.60
CA PHE C 115 -26.85 -21.08 13.39
C PHE C 115 -27.81 -20.20 12.61
N CYS C 116 -28.13 -20.56 11.37
CA CYS C 116 -28.87 -19.65 10.49
C CYS C 116 -30.34 -19.60 10.86
N ASP C 117 -30.87 -18.38 11.00
CA ASP C 117 -32.26 -18.15 11.32
C ASP C 117 -33.15 -18.27 10.09
N LYS C 118 -34.41 -18.63 10.32
CA LYS C 118 -35.39 -18.67 9.25
C LYS C 118 -35.57 -17.27 8.66
N ALA C 119 -35.57 -17.18 7.33
CA ALA C 119 -35.57 -15.90 6.65
C ALA C 119 -36.97 -15.28 6.62
N LEU C 120 -37.01 -13.95 6.68
CA LEU C 120 -38.24 -13.23 6.44
C LEU C 120 -38.61 -13.32 4.95
N PRO C 121 -39.90 -13.19 4.62
CA PRO C 121 -40.30 -13.24 3.21
C PRO C 121 -39.65 -12.12 2.41
N CYS C 122 -39.46 -12.39 1.12
CA CYS C 122 -38.84 -11.42 0.22
C CYS C 122 -39.71 -10.17 0.12
N SER D 1 6.35 -8.97 -14.13
CA SER D 1 6.57 -9.88 -15.25
C SER D 1 5.38 -9.86 -16.19
N LEU D 2 5.47 -10.65 -17.27
CA LEU D 2 4.34 -10.77 -18.20
C LEU D 2 3.11 -11.35 -17.51
N VAL D 3 3.30 -12.06 -16.40
CA VAL D 3 2.15 -12.62 -15.67
C VAL D 3 1.28 -11.49 -15.13
N GLU D 4 1.88 -10.57 -14.38
CA GLU D 4 1.11 -9.45 -13.82
C GLU D 4 0.57 -8.58 -14.94
N LEU D 5 1.40 -8.25 -15.92
CA LEU D 5 0.95 -7.42 -17.05
C LEU D 5 -0.31 -7.99 -17.68
N GLY D 6 -0.37 -9.32 -17.85
CA GLY D 6 -1.52 -9.92 -18.49
C GLY D 6 -2.79 -9.79 -17.66
N LYS D 7 -2.68 -9.91 -16.34
CA LYS D 7 -3.87 -9.85 -15.50
C LYS D 7 -4.43 -8.42 -15.42
N MET D 8 -3.55 -7.43 -15.43
CA MET D 8 -4.01 -6.05 -15.42
C MET D 8 -4.80 -5.72 -16.68
N ILE D 9 -4.30 -6.13 -17.84
CA ILE D 9 -5.00 -5.88 -19.09
C ILE D 9 -6.37 -6.55 -19.07
N LEU D 10 -6.43 -7.77 -18.52
CA LEU D 10 -7.71 -8.47 -18.41
C LEU D 10 -8.67 -7.72 -17.49
N GLN D 11 -8.18 -7.24 -16.35
CA GLN D 11 -9.07 -6.59 -15.39
C GLN D 11 -9.55 -5.24 -15.91
N GLU D 12 -8.69 -4.51 -16.62
CA GLU D 12 -9.08 -3.19 -17.12
C GLU D 12 -9.91 -3.30 -18.39
N THR D 13 -9.39 -3.97 -19.41
CA THR D 13 -10.04 -4.02 -20.72
C THR D 13 -11.08 -5.12 -20.86
N GLY D 14 -11.03 -6.14 -20.00
CA GLY D 14 -11.88 -7.31 -20.18
C GLY D 14 -11.44 -8.25 -21.27
N LYS D 15 -10.31 -7.97 -21.93
CA LYS D 15 -9.84 -8.76 -23.06
C LYS D 15 -8.71 -9.69 -22.64
N ASN D 16 -8.61 -10.81 -23.33
CA ASN D 16 -7.46 -11.69 -23.19
C ASN D 16 -6.24 -11.00 -23.81
N PRO D 17 -5.14 -10.83 -23.07
CA PRO D 17 -4.00 -10.09 -23.63
C PRO D 17 -3.33 -10.76 -24.80
N VAL D 18 -3.38 -12.10 -24.87
CA VAL D 18 -2.72 -12.81 -25.96
C VAL D 18 -3.52 -12.67 -27.25
N THR D 19 -4.82 -12.91 -27.19
CA THR D 19 -5.63 -12.88 -28.39
C THR D 19 -5.85 -11.45 -28.87
N SER D 20 -6.08 -10.51 -27.95
CA SER D 20 -6.39 -9.15 -28.37
C SER D 20 -5.13 -8.34 -28.66
N TYR D 21 -4.06 -8.56 -27.90
CA TYR D 21 -2.88 -7.71 -27.99
C TYR D 21 -1.57 -8.47 -28.12
N GLY D 22 -1.62 -9.78 -28.38
CA GLY D 22 -0.39 -10.55 -28.46
C GLY D 22 0.49 -10.16 -29.63
N ALA D 23 -0.11 -9.62 -30.69
CA ALA D 23 0.63 -9.13 -31.85
C ALA D 23 -0.22 -8.15 -32.62
N TYR D 24 -0.23 -6.89 -32.18
CA TYR D 24 -1.12 -5.87 -32.72
C TYR D 24 -0.30 -4.67 -33.17
N GLY D 25 -0.47 -4.28 -34.43
CA GLY D 25 0.25 -3.13 -34.92
C GLY D 25 1.74 -3.36 -34.95
N CYS D 26 2.50 -2.34 -34.56
CA CYS D 26 3.95 -2.38 -34.61
C CYS D 26 4.60 -2.43 -33.23
N ASN D 27 3.82 -2.40 -32.15
CA ASN D 27 4.40 -2.32 -30.82
C ASN D 27 3.77 -3.29 -29.83
N CYS D 28 2.48 -3.59 -29.99
CA CYS D 28 1.76 -4.40 -29.03
C CYS D 28 2.16 -5.88 -29.16
N GLY D 29 2.76 -6.42 -28.12
CA GLY D 29 3.10 -7.84 -28.09
C GLY D 29 4.41 -8.15 -28.76
N VAL D 30 4.64 -7.59 -29.95
CA VAL D 30 5.88 -7.83 -30.67
C VAL D 30 7.04 -7.23 -29.90
N LEU D 31 8.25 -7.66 -30.26
CA LEU D 31 9.46 -7.13 -29.65
C LEU D 31 9.98 -5.95 -30.46
N GLY D 32 10.51 -4.95 -29.76
CA GLY D 32 11.00 -3.76 -30.42
C GLY D 32 9.92 -2.76 -30.76
N ARG D 33 10.28 -1.48 -30.82
CA ARG D 33 9.34 -0.42 -31.12
C ARG D 33 9.33 -0.08 -32.61
N GLY D 34 8.17 0.36 -33.09
CA GLY D 34 8.05 0.94 -34.41
C GLY D 34 7.06 2.08 -34.36
N LYS D 35 6.97 2.80 -35.47
CA LYS D 35 6.03 3.92 -35.54
C LYS D 35 4.61 3.38 -35.34
N PRO D 36 3.83 3.96 -34.43
CA PRO D 36 2.53 3.36 -34.10
C PRO D 36 1.50 3.54 -35.21
N LYS D 37 0.63 2.54 -35.34
CA LYS D 37 -0.40 2.53 -36.38
C LYS D 37 -1.68 3.21 -35.95
N ASP D 38 -2.01 3.19 -34.66
CA ASP D 38 -3.23 3.81 -34.16
C ASP D 38 -3.04 4.09 -32.68
N ALA D 39 -4.13 4.47 -32.00
CA ALA D 39 -4.05 4.83 -30.60
C ALA D 39 -3.70 3.63 -29.72
N THR D 40 -4.24 2.45 -30.04
CA THR D 40 -3.91 1.25 -29.29
C THR D 40 -2.43 0.92 -29.42
N ASP D 41 -1.91 0.99 -30.65
CA ASP D 41 -0.48 0.74 -30.88
C ASP D 41 0.38 1.73 -30.12
N ARG D 42 -0.07 2.99 -30.01
CA ARG D 42 0.70 4.01 -29.31
C ARG D 42 0.78 3.73 -27.81
N CYS D 43 -0.26 3.12 -27.22
CA CYS D 43 -0.18 2.69 -25.84
C CYS D 43 1.02 1.76 -25.62
N CYS D 44 1.16 0.76 -26.49
CA CYS D 44 2.27 -0.18 -26.37
C CYS D 44 3.59 0.49 -26.71
N TYR D 45 3.59 1.48 -27.59
CA TYR D 45 4.78 2.28 -27.84
C TYR D 45 5.26 2.95 -26.56
N VAL D 46 4.35 3.64 -25.87
CA VAL D 46 4.70 4.32 -24.63
C VAL D 46 5.17 3.31 -23.59
N HIS D 47 4.47 2.18 -23.49
CA HIS D 47 4.82 1.14 -22.53
C HIS D 47 6.23 0.61 -22.76
N LYS D 48 6.61 0.42 -24.02
CA LYS D 48 7.95 -0.07 -24.31
C LYS D 48 9.01 0.95 -23.93
N CYS D 49 8.72 2.23 -24.13
CA CYS D 49 9.62 3.28 -23.65
C CYS D 49 9.69 3.30 -22.14
N CYS D 50 8.57 3.01 -21.48
CA CYS D 50 8.56 2.90 -20.02
C CYS D 50 9.50 1.79 -19.55
N TYR D 51 9.48 0.64 -20.23
CA TYR D 51 10.38 -0.46 -19.91
C TYR D 51 11.83 -0.09 -20.16
N LYS D 52 12.10 0.75 -21.16
CA LYS D 52 13.47 1.00 -21.59
C LYS D 52 14.29 1.70 -20.51
N LYS D 53 13.65 2.54 -19.69
CA LYS D 53 14.36 3.26 -18.65
C LYS D 53 14.59 2.43 -17.39
N LEU D 54 14.09 1.19 -17.36
CA LEU D 54 14.29 0.30 -16.23
C LEU D 54 15.52 -0.57 -16.50
N THR D 55 16.55 -0.41 -15.67
CA THR D 55 17.79 -1.14 -15.84
C THR D 55 18.11 -2.12 -14.73
N ASP D 56 17.64 -1.84 -13.50
CA ASP D 56 17.98 -2.66 -12.34
C ASP D 56 17.15 -3.94 -12.24
N CYS D 57 16.26 -4.20 -13.19
CA CYS D 57 15.46 -5.42 -13.12
C CYS D 57 15.08 -5.85 -14.54
N ASN D 58 14.50 -7.05 -14.62
CA ASN D 58 14.07 -7.62 -15.90
C ASN D 58 12.56 -7.42 -16.03
N PRO D 59 12.10 -6.49 -16.86
CA PRO D 59 10.65 -6.21 -16.94
C PRO D 59 9.81 -7.41 -17.31
N LYS D 60 10.34 -8.33 -18.12
CA LYS D 60 9.53 -9.44 -18.61
C LYS D 60 9.46 -10.60 -17.62
N LYS D 61 10.47 -10.75 -16.76
CA LYS D 61 10.57 -11.92 -15.89
C LYS D 61 10.37 -11.62 -14.41
N ASP D 62 10.67 -10.41 -13.96
CA ASP D 62 10.68 -10.13 -12.53
C ASP D 62 9.25 -9.89 -12.02
N ARG D 63 8.94 -10.51 -10.89
CA ARG D 63 7.60 -10.49 -10.32
C ARG D 63 7.43 -9.36 -9.33
N TYR D 64 6.23 -8.79 -9.29
CA TYR D 64 5.84 -7.78 -8.32
C TYR D 64 4.42 -8.07 -7.88
N SER D 65 3.92 -7.26 -6.94
CA SER D 65 2.57 -7.44 -6.41
C SER D 65 1.75 -6.17 -6.60
N TYR D 66 0.45 -6.37 -6.85
CA TYR D 66 -0.49 -5.26 -6.96
C TYR D 66 -1.86 -5.73 -6.52
N SER D 67 -2.75 -4.77 -6.28
CA SER D 67 -4.09 -5.05 -5.78
C SER D 67 -5.14 -4.49 -6.73
N TRP D 68 -6.29 -5.16 -6.75
CA TRP D 68 -7.47 -4.72 -7.50
C TRP D 68 -8.48 -4.24 -6.47
N LYS D 69 -8.56 -2.92 -6.29
CA LYS D 69 -9.38 -2.31 -5.25
C LYS D 69 -10.28 -1.26 -5.90
N ASN D 70 -11.59 -1.39 -5.69
CA ASN D 70 -12.58 -0.50 -6.28
C ASN D 70 -12.39 -0.38 -7.79
N LYS D 71 -12.13 -1.53 -8.44
CA LYS D 71 -11.95 -1.61 -9.88
C LYS D 71 -10.82 -0.67 -10.35
N THR D 72 -9.80 -0.56 -9.51
CA THR D 72 -8.63 0.26 -9.78
C THR D 72 -7.39 -0.56 -9.48
N ILE D 73 -6.37 -0.41 -10.32
CA ILE D 73 -5.10 -1.07 -10.06
C ILE D 73 -4.29 -0.23 -9.09
N VAL D 74 -3.84 -0.85 -8.01
CA VAL D 74 -3.01 -0.20 -7.00
C VAL D 74 -1.72 -1.00 -6.87
N CYS D 75 -0.61 -0.39 -7.27
CA CYS D 75 0.67 -1.07 -7.25
C CYS D 75 1.17 -1.24 -5.82
N GLY D 76 1.74 -2.41 -5.54
CA GLY D 76 2.35 -2.65 -4.23
C GLY D 76 3.70 -1.96 -4.12
N GLU D 77 3.96 -1.44 -2.93
CA GLU D 77 5.24 -0.77 -2.69
C GLU D 77 6.39 -1.76 -2.82
N ASN D 78 7.49 -1.29 -3.39
CA ASN D 78 8.66 -2.13 -3.67
C ASN D 78 9.82 -1.20 -4.01
N ASN D 79 10.95 -1.80 -4.40
CA ASN D 79 12.10 -0.99 -4.79
C ASN D 79 11.79 -0.22 -6.08
N ALA D 80 12.74 0.65 -6.46
CA ALA D 80 12.50 1.59 -7.55
C ALA D 80 12.14 0.87 -8.84
N CYS D 81 12.93 -0.16 -9.20
CA CYS D 81 12.70 -0.83 -10.48
C CYS D 81 11.36 -1.57 -10.50
N LEU D 82 11.05 -2.29 -9.42
CA LEU D 82 9.85 -3.12 -9.43
C LEU D 82 8.58 -2.28 -9.28
N LYS D 83 8.64 -1.20 -8.50
CA LYS D 83 7.48 -0.32 -8.38
C LYS D 83 7.22 0.41 -9.69
N GLU D 84 8.27 0.98 -10.30
CA GLU D 84 8.09 1.66 -11.58
C GLU D 84 7.70 0.68 -12.68
N LEU D 85 8.14 -0.58 -12.56
CA LEU D 85 7.72 -1.61 -13.51
C LEU D 85 6.23 -1.89 -13.39
N CYS D 86 5.71 -1.92 -12.17
CA CYS D 86 4.27 -2.06 -11.98
C CYS D 86 3.53 -0.87 -12.55
N GLU D 87 4.11 0.32 -12.43
CA GLU D 87 3.42 1.52 -12.93
C GLU D 87 3.41 1.56 -14.45
N CYS D 88 4.50 1.08 -15.08
CA CYS D 88 4.49 0.92 -16.54
C CYS D 88 3.33 0.04 -16.98
N ASP D 89 3.16 -1.10 -16.31
CA ASP D 89 2.12 -2.04 -16.69
C ASP D 89 0.74 -1.47 -16.45
N LYS D 90 0.58 -0.67 -15.38
CA LYS D 90 -0.73 -0.09 -15.08
C LYS D 90 -1.14 0.91 -16.13
N ALA D 91 -0.22 1.79 -16.52
CA ALA D 91 -0.54 2.83 -17.50
C ALA D 91 -0.95 2.24 -18.83
N VAL D 92 -0.33 1.13 -19.24
CA VAL D 92 -0.68 0.55 -20.54
C VAL D 92 -2.03 -0.14 -20.47
N ALA D 93 -2.38 -0.72 -19.32
CA ALA D 93 -3.69 -1.36 -19.18
C ALA D 93 -4.79 -0.32 -19.27
N ILE D 94 -4.64 0.80 -18.59
CA ILE D 94 -5.62 1.88 -18.67
C ILE D 94 -5.65 2.45 -20.09
N CYS D 95 -4.49 2.65 -20.69
CA CYS D 95 -4.42 3.21 -22.04
C CYS D 95 -5.15 2.33 -23.05
N LEU D 96 -4.87 1.03 -23.02
CA LEU D 96 -5.52 0.11 -23.95
C LEU D 96 -7.04 0.10 -23.76
N ARG D 97 -7.49 0.18 -22.50
CA ARG D 97 -8.92 0.24 -22.23
C ARG D 97 -9.53 1.51 -22.80
N GLU D 98 -8.88 2.66 -22.56
CA GLU D 98 -9.40 3.93 -23.06
C GLU D 98 -9.48 3.97 -24.58
N ASN D 99 -8.68 3.16 -25.28
CA ASN D 99 -8.63 3.19 -26.74
C ASN D 99 -9.27 1.96 -27.37
N LEU D 100 -10.08 1.23 -26.61
CA LEU D 100 -10.87 0.15 -27.19
C LEU D 100 -11.87 0.67 -28.21
N ASP D 101 -12.24 1.95 -28.12
CA ASP D 101 -13.20 2.52 -29.05
C ASP D 101 -12.70 2.51 -30.50
N THR D 102 -11.39 2.56 -30.70
CA THR D 102 -10.82 2.52 -32.05
C THR D 102 -10.01 1.25 -32.32
N TYR D 103 -10.00 0.30 -31.39
CA TYR D 103 -9.34 -0.98 -31.64
C TYR D 103 -9.84 -1.57 -32.96
N ASN D 104 -8.90 -1.92 -33.84
CA ASN D 104 -9.23 -2.42 -35.17
C ASN D 104 -8.50 -3.72 -35.41
N LYS D 105 -9.25 -4.80 -35.67
CA LYS D 105 -8.66 -6.11 -35.91
C LYS D 105 -7.73 -6.11 -37.12
N LYS D 106 -7.86 -5.12 -38.01
CA LYS D 106 -6.99 -5.06 -39.17
C LYS D 106 -5.53 -4.84 -38.81
N TYR D 107 -5.25 -4.40 -37.58
CA TYR D 107 -3.88 -4.22 -37.11
C TYR D 107 -3.34 -5.42 -36.34
N LYS D 108 -4.17 -6.43 -36.09
CA LYS D 108 -3.67 -7.68 -35.56
C LYS D 108 -2.74 -8.34 -36.58
N ASN D 109 -1.58 -8.81 -36.12
CA ASN D 109 -0.57 -9.34 -37.03
C ASN D 109 -1.02 -10.61 -37.74
N ASN D 110 -2.08 -11.27 -37.28
CA ASN D 110 -2.60 -12.43 -37.98
C ASN D 110 -3.58 -12.06 -39.10
N TYR D 111 -4.22 -10.89 -39.01
CA TYR D 111 -5.08 -10.44 -40.10
C TYR D 111 -4.26 -9.82 -41.23
N LEU D 112 -3.31 -8.97 -40.89
CA LEU D 112 -2.43 -8.33 -41.86
C LEU D 112 -1.11 -8.02 -41.20
N LYS D 113 -0.03 -8.58 -41.75
CA LYS D 113 1.31 -8.35 -41.21
C LYS D 113 1.76 -6.94 -41.55
N PRO D 114 1.78 -6.01 -40.59
CA PRO D 114 2.04 -4.61 -40.93
C PRO D 114 3.49 -4.35 -41.25
N PHE D 115 3.71 -3.42 -42.17
CA PHE D 115 5.05 -2.90 -42.44
C PHE D 115 5.37 -1.80 -41.43
N CYS D 116 6.38 -2.02 -40.62
CA CYS D 116 6.66 -1.18 -39.46
C CYS D 116 7.89 -0.33 -39.74
N ASP D 117 7.74 0.98 -39.59
CA ASP D 117 8.84 1.89 -39.82
C ASP D 117 9.70 2.02 -38.57
N LYS D 118 10.92 2.53 -38.78
CA LYS D 118 11.84 2.77 -37.68
C LYS D 118 11.22 3.74 -36.68
N ALA D 119 11.29 3.38 -35.41
CA ALA D 119 10.69 4.18 -34.35
C ALA D 119 11.56 5.41 -34.05
N LEU D 120 10.89 6.52 -33.74
CA LEU D 120 11.59 7.65 -33.17
C LEU D 120 12.07 7.30 -31.77
N PRO D 121 13.12 7.96 -31.27
CA PRO D 121 13.61 7.65 -29.93
C PRO D 121 12.60 8.05 -28.87
N CYS D 122 12.72 7.41 -27.71
CA CYS D 122 11.80 7.65 -26.60
C CYS D 122 12.02 9.03 -26.00
C01 VRD E . 24.94 8.24 3.49
C02 VRD E . 25.25 7.82 4.93
C03 VRD E . 26.78 7.87 5.24
C04 VRD E . 27.61 8.98 5.05
C05 VRD E . 28.89 8.57 5.45
C06 VRD E . 28.77 7.26 5.86
C08 VRD E . 26.96 5.53 6.04
C09 VRD E . 26.63 5.46 7.56
C10 VRD E . 26.69 6.60 8.34
C11 VRD E . 26.40 6.53 9.70
C12 VRD E . 26.05 5.31 10.27
C13 VRD E . 26.00 4.16 9.49
C14 VRD E . 26.28 4.24 8.13
C15 VRD E . 29.90 6.55 6.32
C16 VRD E . 31.13 7.18 6.38
C17 VRD E . 31.26 8.51 5.96
C18 VRD E . 30.16 9.20 5.51
C20 VRD E . 31.11 11.35 5.93
C21 VRD E . 32.53 11.42 5.38
C24 VRD E . 27.21 10.36 4.49
C26 VRD E . 28.03 10.94 3.35
N07 VRD E . 27.49 6.87 5.72
N28 VRD E . 28.55 10.02 2.36
O19 VRD E . 30.30 10.56 5.09
O22 VRD E . 32.81 10.92 4.27
O23 VRD E . 33.42 12.00 6.06
O25 VRD E . 26.26 10.95 4.91
O27 VRD E . 28.25 12.11 3.28
C01 VRD F . 0.79 3.12 26.19
C02 VRD F . 1.37 1.91 25.44
C03 VRD F . 0.54 0.62 25.64
C04 VRD F . -0.84 0.50 25.47
C05 VRD F . -1.14 -0.85 25.76
C06 VRD F . 0.05 -1.47 26.07
C08 VRD F . 2.47 -0.84 26.25
C09 VRD F . 3.17 -1.39 24.98
C10 VRD F . 2.56 -1.28 23.74
C11 VRD F . 3.20 -1.79 22.61
C12 VRD F . 4.44 -2.38 22.72
C13 VRD F . 5.05 -2.50 23.96
C14 VRD F . 4.41 -2.00 25.09
C15 VRD F . 0.07 -2.84 26.39
C16 VRD F . -1.11 -3.57 26.40
C17 VRD F . -2.32 -2.94 26.09
C18 VRD F . -2.35 -1.59 25.76
C20 VRD F . -4.44 -1.69 24.63
C21 VRD F . -5.49 -2.35 25.53
C24 VRD F . -1.83 1.62 25.07
C26 VRD F . -3.08 1.87 25.91
N07 VRD F . 1.04 -0.57 25.98
N28 VRD F . -3.00 1.74 27.36
O19 VRD F . -3.57 -0.96 25.44
O22 VRD F . -5.53 -2.08 26.76
O23 VRD F . -6.33 -3.16 25.03
O25 VRD F . -1.60 2.31 24.13
O27 VRD F . -4.10 2.17 25.41
O1 PE4 G . 19.74 10.03 20.45
C1 PE4 G . 18.91 11.00 19.80
C2 PE4 G . 17.47 10.88 20.28
O2 PE4 G . 16.86 9.72 19.72
C3 PE4 G . 15.57 9.47 20.25
C4 PE4 G . 15.23 7.99 20.08
O3 PE4 G . 14.86 7.72 18.72
C5 PE4 G . 14.89 6.33 18.43
C6 PE4 G . 13.74 6.02 17.48
O4 PE4 G . 13.65 7.03 16.48
C7 PE4 G . 12.32 7.55 16.38
C8 PE4 G . 12.01 7.89 14.93
O5 PE4 G . 12.17 6.71 14.15
C9 PE4 G . 11.67 6.86 12.83
C10 PE4 G . 12.14 5.66 12.02
O6 PE4 G . 11.87 4.48 12.75
C11 PE4 G . 12.18 3.29 12.02
C12 PE4 G . 11.35 3.31 10.74
O7 PE4 G . 10.92 2.00 10.37
C13 PE4 G . 10.40 1.99 9.04
C14 PE4 G . 8.88 1.86 9.08
O8 PE4 G . 8.49 0.55 9.47
C15 PE4 G . 7.07 0.40 9.47
C16 PE4 G . 6.71 -1.07 9.60
C01 VRD H . -22.15 -15.40 -3.82
C02 VRD H . -21.86 -16.22 -5.10
C03 VRD H . -22.90 -17.35 -5.35
C04 VRD H . -24.30 -17.21 -5.36
C05 VRD H . -24.82 -18.49 -5.62
C06 VRD H . -23.73 -19.32 -5.78
C08 VRD H . -21.23 -19.16 -5.68
C09 VRD H . -20.74 -19.21 -7.15
C10 VRD H . -21.48 -18.62 -8.16
C11 VRD H . -21.03 -18.66 -9.48
C12 VRD H . -19.84 -19.31 -9.78
C13 VRD H . -19.09 -19.91 -8.77
C14 VRD H . -19.54 -19.85 -7.45
C15 VRD H . -23.92 -20.69 -6.07
C16 VRD H . -25.21 -21.19 -6.20
C17 VRD H . -26.31 -20.35 -6.05
C18 VRD H . -26.12 -19.00 -5.77
C20 VRD H . -28.29 -18.35 -6.52
C21 VRD H . -29.35 -19.20 -5.82
C24 VRD H . -25.10 -15.92 -5.10
C26 VRD H . -26.17 -15.93 -4.01
N07 VRD H . -22.60 -18.61 -5.61
N28 VRD H . -25.95 -16.74 -2.82
O19 VRD H . -27.24 -18.14 -5.61
O22 VRD H . -29.34 -19.31 -4.56
O23 VRD H . -30.22 -19.79 -6.50
O25 VRD H . -24.88 -14.93 -5.72
O27 VRD H . -27.17 -15.29 -4.11
C01 VRD I . -0.12 -5.41 -25.13
C02 VRD I . 0.24 -6.63 -24.26
C03 VRD I . 1.73 -7.07 -24.36
C04 VRD I . 2.85 -6.24 -24.29
C05 VRD I . 3.98 -7.09 -24.42
C06 VRD I . 3.48 -8.37 -24.56
C08 VRD I . 1.25 -9.49 -24.63
C09 VRD I . 1.02 -10.19 -23.25
C10 VRD I . 1.39 -9.54 -22.09
C11 VRD I . 1.19 -10.18 -20.87
C12 VRD I . 0.62 -11.43 -20.82
C13 VRD I . 0.27 -12.08 -21.99
C14 VRD I . 0.45 -11.45 -23.20
C15 VRD I . 4.36 -9.47 -24.71
C16 VRD I . 5.73 -9.25 -24.73
C17 VRD I . 6.23 -7.96 -24.59
C18 VRD I . 5.37 -6.87 -24.44
C20 VRD I . 6.94 -5.46 -23.35
C21 VRD I . 8.27 -5.34 -24.10
C24 VRD I . 2.86 -4.70 -24.12
C26 VRD I . 3.64 -3.82 -25.10
N07 VRD I . 2.13 -8.33 -24.51
N28 VRD I . 3.79 -4.25 -26.48
O19 VRD I . 5.90 -5.57 -24.30
O22 VRD I . 9.34 -5.60 -23.50
O23 VRD I . 8.28 -4.98 -25.31
O25 VRD I . 2.25 -4.20 -23.23
O27 VRD I . 4.12 -2.79 -24.75
#